data_4ZDR
#
_entry.id   4ZDR
#
_cell.length_a   130.262
_cell.length_b   130.262
_cell.length_c   264.960
_cell.angle_alpha   90.00
_cell.angle_beta   90.00
_cell.angle_gamma   120.00
#
_symmetry.space_group_name_H-M   'H 3 2'
#
loop_
_entity.id
_entity.type
_entity.pdbx_description
1 polymer '14-3-3 protein zeta/delta,GGSGGS linker,Serine/threonine-protein kinase STK11'
2 non-polymer GLYCEROL
3 non-polymer 'SULFATE ION'
4 non-polymer PROPANE
5 water water
#
_entity_poly.entity_id   1
_entity_poly.type   'polypeptide(L)'
_entity_poly.pdbx_seq_one_letter_code
;MSYYHHHHHHLESTSLYKKAGLMDKNELVQKAKLAEQAERYDDMAACMKSVTEQGAELSNEERNLLSVAYKNVVGARRSS
WRVVSSIEQKTEGAEKKQQMAREYREKIETELRDICNDVLSLLEKFLIPNASQAESKVFYLKMKGDYYRYLAEVAAGDDK
KGIVDQSQQAYQEAFEISKKEMQPTHPIRLGLALNFSVFYYEILNSPEKACSLAKTAFDEAIAELDTLSEESYKDSTLIM
QLLRDNLTLWTSGGSGGSRSMEVVPY
;
_entity_poly.pdbx_strand_id   A,B
#
loop_
_chem_comp.id
_chem_comp.type
_chem_comp.name
_chem_comp.formula
GOL non-polymer GLYCEROL 'C3 H8 O3'
SO4 non-polymer 'SULFATE ION' 'O4 S -2'
TME non-polymer PROPANE 'C3 H8'
#
# COMPACT_ATOMS: atom_id res chain seq x y z
N LEU A 16 19.98 10.06 16.24
CA LEU A 16 19.17 10.68 17.29
C LEU A 16 19.87 10.81 18.63
N TYR A 17 19.50 9.90 19.54
CA TYR A 17 20.21 9.65 20.81
C TYR A 17 20.27 8.12 21.04
N LYS A 18 20.90 7.46 20.06
CA LYS A 18 21.27 6.06 20.14
C LYS A 18 22.80 6.03 20.11
N LYS A 19 23.41 4.94 20.55
CA LYS A 19 24.84 4.99 20.86
C LYS A 19 25.76 4.53 19.73
N ALA A 20 25.24 4.40 18.51
CA ALA A 20 25.95 3.82 17.35
C ALA A 20 26.01 2.29 17.42
N GLY A 21 24.91 1.70 17.90
CA GLY A 21 24.55 0.32 17.62
C GLY A 21 23.68 0.39 16.37
N LEU A 22 24.29 0.79 15.26
CA LEU A 22 23.65 0.75 13.96
C LEU A 22 23.47 -0.69 13.52
N MET A 23 22.67 -0.89 12.48
CA MET A 23 22.47 -2.23 11.97
C MET A 23 23.62 -2.61 11.03
N ASP A 24 24.21 -3.74 11.35
CA ASP A 24 25.10 -4.49 10.47
C ASP A 24 24.37 -4.80 9.13
N LYS A 25 25.12 -4.96 8.04
CA LYS A 25 24.56 -5.27 6.73
C LYS A 25 23.65 -6.49 6.73
N ASN A 26 24.12 -7.58 7.32
CA ASN A 26 23.28 -8.77 7.44
C ASN A 26 21.95 -8.45 8.10
N GLU A 27 21.97 -7.64 9.14
CA GLU A 27 20.76 -7.27 9.87
C GLU A 27 19.85 -6.37 9.03
N LEU A 28 20.45 -5.44 8.29
CA LEU A 28 19.69 -4.57 7.41
C LEU A 28 18.92 -5.40 6.41
N VAL A 29 19.55 -6.46 5.90
CA VAL A 29 18.92 -7.34 4.91
C VAL A 29 17.81 -8.21 5.54
N GLN A 30 18.02 -8.67 6.77
CA GLN A 30 16.96 -9.38 7.47
C GLN A 30 15.74 -8.45 7.63
N LYS A 31 15.97 -7.16 7.76
CA LYS A 31 14.85 -6.24 7.94
C LYS A 31 14.13 -5.97 6.62
N ALA A 32 14.90 -5.84 5.54
CA ALA A 32 14.30 -5.58 4.25
C ALA A 32 13.38 -6.74 3.88
N LYS A 33 13.77 -7.95 4.26
CA LYS A 33 12.94 -9.13 4.08
C LYS A 33 11.67 -9.04 4.92
N LEU A 34 11.83 -8.80 6.22
CA LEU A 34 10.70 -8.53 7.09
C LEU A 34 9.81 -7.45 6.50
N ALA A 35 10.43 -6.34 6.08
CA ALA A 35 9.70 -5.23 5.48
C ALA A 35 8.92 -5.68 4.23
N GLU A 36 9.50 -6.57 3.44
CA GLU A 36 8.81 -7.12 2.27
C GLU A 36 7.57 -7.95 2.61
N GLN A 37 7.72 -8.89 3.55
CA GLN A 37 6.59 -9.75 3.88
C GLN A 37 5.50 -8.90 4.52
N ALA A 38 5.89 -7.75 5.05
CA ALA A 38 4.95 -6.90 5.75
C ALA A 38 4.40 -5.80 4.81
N GLU A 39 4.77 -5.90 3.54
CA GLU A 39 4.29 -4.97 2.52
C GLU A 39 4.62 -3.53 2.85
N ARG A 40 5.77 -3.33 3.47
CA ARG A 40 6.30 -1.99 3.74
C ARG A 40 7.56 -1.74 2.88
N TYR A 41 7.34 -1.39 1.61
CA TYR A 41 8.42 -1.24 0.65
C TYR A 41 9.30 0.00 0.84
N ASP A 42 8.76 1.04 1.49
CA ASP A 42 9.54 2.23 1.84
C ASP A 42 10.67 1.81 2.79
N ASP A 43 10.30 1.05 3.82
CA ASP A 43 11.27 0.50 4.75
C ASP A 43 12.31 -0.32 3.99
N MET A 44 11.82 -1.16 3.08
CA MET A 44 12.66 -2.11 2.36
C MET A 44 13.68 -1.38 1.47
N ALA A 45 13.16 -0.44 0.67
CA ALA A 45 14.03 0.42 -0.11
C ALA A 45 15.07 1.08 0.79
N ALA A 46 14.64 1.66 1.90
CA ALA A 46 15.58 2.31 2.84
C ALA A 46 16.66 1.31 3.29
N CYS A 47 16.25 0.16 3.80
CA CYS A 47 17.24 -0.84 4.22
C CYS A 47 18.22 -1.16 3.09
N MET A 48 17.71 -1.37 1.88
CA MET A 48 18.62 -1.73 0.80
C MET A 48 19.48 -0.56 0.28
N LYS A 49 18.98 0.67 0.43
CA LYS A 49 19.77 1.84 0.05
C LYS A 49 20.97 1.99 0.97
N SER A 50 20.72 1.74 2.25
CA SER A 50 21.79 1.73 3.22
C SER A 50 22.84 0.71 2.81
N VAL A 51 22.48 -0.57 2.74
CA VAL A 51 23.39 -1.64 2.33
C VAL A 51 24.19 -1.26 1.07
N THR A 52 23.53 -0.56 0.15
CA THR A 52 24.16 -0.17 -1.10
C THR A 52 25.27 0.81 -0.82
N GLU A 53 24.97 1.73 0.08
CA GLU A 53 25.87 2.86 0.38
C GLU A 53 27.14 2.44 1.08
N GLN A 54 27.09 1.36 1.84
CA GLN A 54 28.30 0.74 2.38
C GLN A 54 29.39 0.51 1.31
N GLY A 55 29.02 0.51 0.04
CA GLY A 55 30.00 0.41 -1.03
C GLY A 55 30.42 -0.99 -1.44
N ALA A 56 30.04 -2.00 -0.66
CA ALA A 56 30.24 -3.40 -1.04
C ALA A 56 29.35 -3.73 -2.24
N GLU A 57 29.92 -4.43 -3.21
CA GLU A 57 29.15 -5.00 -4.31
C GLU A 57 28.08 -5.92 -3.74
N LEU A 58 26.83 -5.70 -4.15
CA LEU A 58 25.70 -6.46 -3.60
C LEU A 58 25.70 -7.86 -4.17
N SER A 59 25.38 -8.82 -3.31
CA SER A 59 25.12 -10.18 -3.76
C SER A 59 23.88 -10.23 -4.62
N ASN A 60 23.69 -11.34 -5.32
CA ASN A 60 22.51 -11.51 -6.16
C ASN A 60 21.25 -11.38 -5.32
N GLU A 61 21.28 -11.87 -4.08
CA GLU A 61 20.16 -11.67 -3.17
C GLU A 61 19.90 -10.19 -2.86
N GLU A 62 20.94 -9.47 -2.51
CA GLU A 62 20.76 -8.08 -2.13
C GLU A 62 20.30 -7.27 -3.33
N ARG A 63 20.99 -7.45 -4.44
CA ARG A 63 20.64 -6.81 -5.70
C ARG A 63 19.16 -7.06 -6.02
N ASN A 64 18.77 -8.33 -5.95
CA ASN A 64 17.38 -8.71 -6.21
C ASN A 64 16.46 -7.97 -5.27
N LEU A 65 16.79 -8.03 -3.97
CA LEU A 65 16.00 -7.34 -2.95
C LEU A 65 15.86 -5.85 -3.22
N LEU A 66 16.99 -5.18 -3.49
CA LEU A 66 16.98 -3.76 -3.84
C LEU A 66 16.02 -3.41 -4.99
N SER A 67 16.18 -4.13 -6.10
CA SER A 67 15.33 -3.99 -7.27
C SER A 67 13.82 -4.13 -7.00
N VAL A 68 13.45 -5.16 -6.25
CA VAL A 68 12.03 -5.35 -5.97
C VAL A 68 11.51 -4.20 -5.17
N ALA A 69 12.30 -3.85 -4.14
CA ALA A 69 11.99 -2.79 -3.20
C ALA A 69 11.59 -1.50 -3.91
N TYR A 70 12.47 -1.01 -4.77
CA TYR A 70 12.16 0.18 -5.57
C TYR A 70 11.16 -0.07 -6.72
N LYS A 71 10.96 -1.32 -7.16
CA LYS A 71 9.93 -1.59 -8.16
C LYS A 71 8.58 -1.23 -7.56
N ASN A 72 8.40 -1.66 -6.32
CA ASN A 72 7.16 -1.41 -5.61
C ASN A 72 6.98 0.03 -5.17
N VAL A 73 8.08 0.69 -4.81
CA VAL A 73 7.99 2.05 -4.33
C VAL A 73 7.64 2.99 -5.47
N VAL A 74 8.43 2.95 -6.54
CA VAL A 74 8.15 3.79 -7.70
C VAL A 74 6.81 3.38 -8.29
N GLY A 75 6.49 2.09 -8.20
CA GLY A 75 5.30 1.54 -8.80
C GLY A 75 4.04 2.16 -8.25
N ALA A 76 3.99 2.34 -6.93
CA ALA A 76 2.80 2.85 -6.28
C ALA A 76 2.45 4.25 -6.75
N ARG A 77 3.49 5.04 -7.02
CA ARG A 77 3.34 6.45 -7.37
C ARG A 77 2.87 6.54 -8.80
N ARG A 78 3.50 5.73 -9.64
CA ARG A 78 3.16 5.63 -11.05
C ARG A 78 1.67 5.30 -11.19
N SER A 79 1.18 4.40 -10.35
CA SER A 79 -0.24 4.13 -10.36
C SER A 79 -1.01 5.38 -9.96
N SER A 80 -0.60 6.02 -8.87
CA SER A 80 -1.29 7.23 -8.37
C SER A 80 -1.23 8.36 -9.37
N TRP A 81 -0.09 8.47 -10.04
CA TRP A 81 0.08 9.51 -11.04
C TRP A 81 -0.86 9.30 -12.19
N ARG A 82 -1.10 8.04 -12.55
CA ARG A 82 -1.93 7.71 -13.70
C ARG A 82 -3.41 7.86 -13.35
N VAL A 83 -3.78 7.51 -12.13
CA VAL A 83 -5.14 7.74 -11.67
C VAL A 83 -5.46 9.22 -11.67
N VAL A 84 -4.54 10.04 -11.19
CA VAL A 84 -4.83 11.45 -11.02
C VAL A 84 -4.72 12.19 -12.33
N SER A 85 -3.73 11.82 -13.12
CA SER A 85 -3.51 12.49 -14.38
C SER A 85 -4.72 12.20 -15.29
N SER A 86 -5.35 11.03 -15.09
CA SER A 86 -6.56 10.68 -15.80
C SER A 86 -7.71 11.59 -15.37
N ILE A 87 -7.98 11.59 -14.06
CA ILE A 87 -9.02 12.42 -13.48
C ILE A 87 -8.80 13.88 -13.83
N GLU A 88 -7.54 14.27 -13.93
CA GLU A 88 -7.19 15.62 -14.35
C GLU A 88 -7.90 15.97 -15.65
N GLN A 89 -8.13 14.96 -16.48
CA GLN A 89 -8.56 15.21 -17.85
C GLN A 89 -10.00 14.82 -18.12
N LYS A 90 -10.64 14.15 -17.18
CA LYS A 90 -12.06 13.89 -17.32
C LYS A 90 -12.89 15.11 -16.85
N THR A 91 -12.27 16.30 -16.87
CA THR A 91 -12.91 17.51 -16.33
C THR A 91 -13.56 18.44 -17.38
N GLU A 92 -14.81 18.81 -17.12
CA GLU A 92 -15.54 19.80 -17.90
C GLU A 92 -14.70 21.03 -18.25
N GLU A 95 -14.03 22.44 -13.92
CA GLU A 95 -13.36 23.70 -14.24
C GLU A 95 -12.30 24.04 -13.20
N LYS A 96 -12.75 24.34 -11.99
CA LYS A 96 -11.84 24.68 -10.88
C LYS A 96 -11.22 23.41 -10.29
N LYS A 97 -12.02 22.33 -10.27
CA LYS A 97 -11.58 21.03 -9.79
C LYS A 97 -10.41 20.50 -10.64
N GLN A 98 -10.37 20.91 -11.91
CA GLN A 98 -9.31 20.49 -12.82
C GLN A 98 -7.92 20.77 -12.25
N GLN A 99 -7.68 21.99 -11.78
CA GLN A 99 -6.33 22.31 -11.30
C GLN A 99 -6.07 21.91 -9.86
N MET A 100 -7.11 21.62 -9.09
CA MET A 100 -6.92 20.85 -7.88
C MET A 100 -6.11 19.60 -8.21
N ALA A 101 -6.61 18.84 -9.20
CA ALA A 101 -5.95 17.64 -9.68
C ALA A 101 -4.58 17.91 -10.29
N ARG A 102 -4.46 19.01 -11.03
CA ARG A 102 -3.22 19.32 -11.71
C ARG A 102 -2.08 19.46 -10.70
N GLU A 103 -2.36 20.12 -9.59
CA GLU A 103 -1.33 20.32 -8.60
C GLU A 103 -0.98 19.01 -7.93
N TYR A 104 -2.00 18.25 -7.53
CA TYR A 104 -1.79 16.94 -6.93
C TYR A 104 -0.90 16.06 -7.80
N ARG A 105 -1.19 16.06 -9.09
CA ARG A 105 -0.33 15.38 -10.04
C ARG A 105 1.12 15.86 -9.88
N GLU A 106 1.31 17.18 -9.87
CA GLU A 106 2.67 17.72 -9.81
C GLU A 106 3.39 17.31 -8.52
N LYS A 107 2.66 17.24 -7.41
CA LYS A 107 3.26 16.79 -6.15
C LYS A 107 3.69 15.34 -6.30
N ILE A 108 2.85 14.51 -6.93
CA ILE A 108 3.19 13.12 -7.19
C ILE A 108 4.38 13.04 -8.16
N GLU A 109 4.39 13.85 -9.22
CA GLU A 109 5.53 13.83 -10.13
C GLU A 109 6.83 14.08 -9.30
N THR A 110 6.74 14.96 -8.30
CA THR A 110 7.92 15.28 -7.51
C THR A 110 8.37 14.08 -6.69
N GLU A 111 7.45 13.46 -5.95
CA GLU A 111 7.79 12.23 -5.23
C GLU A 111 8.51 11.27 -6.18
N LEU A 112 7.90 11.06 -7.36
CA LEU A 112 8.46 10.22 -8.42
C LEU A 112 9.89 10.54 -8.79
N ARG A 113 10.13 11.81 -9.10
CA ARG A 113 11.45 12.23 -9.56
C ARG A 113 12.49 12.00 -8.47
N ASP A 114 12.08 12.14 -7.21
CA ASP A 114 12.99 11.87 -6.11
C ASP A 114 13.41 10.40 -6.14
N ILE A 115 12.43 9.52 -6.00
CA ILE A 115 12.68 8.09 -6.03
C ILE A 115 13.50 7.68 -7.24
N CYS A 116 13.14 8.23 -8.39
CA CYS A 116 13.90 7.94 -9.59
C CYS A 116 15.33 8.38 -9.47
N ASN A 117 15.53 9.60 -9.00
CA ASN A 117 16.88 10.15 -8.94
C ASN A 117 17.71 9.48 -7.84
N ASP A 118 17.06 9.21 -6.72
CA ASP A 118 17.65 8.40 -5.66
C ASP A 118 18.27 7.13 -6.22
N VAL A 119 17.45 6.35 -6.93
CA VAL A 119 17.90 5.09 -7.51
C VAL A 119 18.97 5.35 -8.54
N LEU A 120 18.73 6.31 -9.43
CA LEU A 120 19.71 6.64 -10.46
C LEU A 120 21.07 6.95 -9.84
N SER A 121 21.07 7.67 -8.73
CA SER A 121 22.31 7.94 -7.99
C SER A 121 23.01 6.66 -7.61
N LEU A 122 22.27 5.79 -6.93
CA LEU A 122 22.82 4.53 -6.44
C LEU A 122 23.44 3.76 -7.58
N LEU A 123 22.82 3.82 -8.75
CA LEU A 123 23.29 3.11 -9.91
C LEU A 123 24.61 3.73 -10.42
N GLU A 124 24.70 5.05 -10.39
CA GLU A 124 25.94 5.73 -10.82
C GLU A 124 27.06 5.65 -9.80
N LYS A 125 26.78 5.99 -8.55
CA LYS A 125 27.85 6.07 -7.55
C LYS A 125 28.27 4.69 -7.00
N PHE A 126 27.44 3.66 -7.14
CA PHE A 126 27.76 2.39 -6.51
C PHE A 126 27.64 1.15 -7.39
N LEU A 127 26.43 0.91 -7.87
CA LEU A 127 26.06 -0.37 -8.47
C LEU A 127 26.73 -0.61 -9.82
N ILE A 128 26.57 0.31 -10.76
CA ILE A 128 27.19 0.11 -12.07
C ILE A 128 28.73 0.08 -12.04
N PRO A 129 29.40 1.00 -11.32
CA PRO A 129 30.87 0.85 -11.28
C PRO A 129 31.35 -0.43 -10.61
N ASN A 130 30.66 -0.90 -9.56
CA ASN A 130 31.09 -2.10 -8.83
C ASN A 130 30.81 -3.41 -9.53
N ALA A 131 30.20 -3.33 -10.71
CA ALA A 131 29.73 -4.49 -11.43
C ALA A 131 30.86 -5.42 -11.89
N SER A 132 30.97 -6.59 -11.26
CA SER A 132 31.99 -7.57 -11.60
C SER A 132 31.75 -8.20 -12.98
N GLN A 133 30.92 -9.26 -13.04
CA GLN A 133 30.62 -9.93 -14.29
C GLN A 133 29.56 -9.16 -15.08
N ALA A 134 29.57 -9.36 -16.39
CA ALA A 134 28.67 -8.74 -17.34
C ALA A 134 27.19 -8.87 -16.96
N GLU A 135 26.83 -10.04 -16.43
CA GLU A 135 25.46 -10.30 -15.99
C GLU A 135 24.96 -9.17 -15.08
N SER A 136 25.82 -8.70 -14.19
CA SER A 136 25.49 -7.64 -13.25
C SER A 136 25.42 -6.29 -13.93
N LYS A 137 26.40 -5.98 -14.78
CA LYS A 137 26.35 -4.74 -15.55
C LYS A 137 25.03 -4.67 -16.30
N VAL A 138 24.67 -5.77 -16.99
CA VAL A 138 23.41 -5.81 -17.73
C VAL A 138 22.23 -5.54 -16.80
N PHE A 139 22.27 -6.16 -15.62
CA PHE A 139 21.24 -5.96 -14.63
C PHE A 139 21.04 -4.49 -14.35
N TYR A 140 22.12 -3.81 -14.00
CA TYR A 140 21.98 -2.45 -13.50
C TYR A 140 21.72 -1.47 -14.65
N LEU A 141 22.25 -1.76 -15.84
CA LEU A 141 21.95 -0.90 -16.99
C LEU A 141 20.45 -0.96 -17.30
N LYS A 142 19.87 -2.16 -17.25
CA LYS A 142 18.44 -2.33 -17.48
C LYS A 142 17.68 -1.48 -16.48
N MET A 143 18.08 -1.59 -15.22
CA MET A 143 17.45 -0.86 -14.15
C MET A 143 17.49 0.64 -14.47
N LYS A 144 18.64 1.09 -14.95
CA LYS A 144 18.90 2.49 -15.31
C LYS A 144 17.92 2.96 -16.38
N GLY A 145 17.80 2.17 -17.44
CA GLY A 145 16.84 2.46 -18.49
C GLY A 145 15.43 2.55 -17.95
N ASP A 146 15.08 1.66 -17.02
CA ASP A 146 13.74 1.67 -16.42
C ASP A 146 13.42 3.02 -15.79
N TYR A 147 14.31 3.45 -14.89
CA TYR A 147 14.02 4.60 -14.04
C TYR A 147 14.26 5.91 -14.78
N TYR A 148 15.12 5.90 -15.79
CA TYR A 148 15.13 7.01 -16.73
C TYR A 148 13.81 7.03 -17.50
N ARG A 149 13.31 5.85 -17.84
CA ARG A 149 12.04 5.77 -18.56
C ARG A 149 10.91 6.37 -17.74
N TYR A 150 10.93 6.14 -16.43
CA TYR A 150 9.82 6.63 -15.61
C TYR A 150 9.85 8.14 -15.54
N LEU A 151 11.05 8.70 -15.44
CA LEU A 151 11.21 10.15 -15.52
C LEU A 151 10.61 10.67 -16.82
N ALA A 152 11.00 10.04 -17.93
CA ALA A 152 10.46 10.35 -19.25
C ALA A 152 8.93 10.35 -19.28
N GLU A 153 8.29 9.32 -18.73
CA GLU A 153 6.82 9.23 -18.72
C GLU A 153 6.16 10.47 -18.16
N VAL A 154 6.91 11.24 -17.38
CA VAL A 154 6.36 12.29 -16.55
C VAL A 154 7.12 13.59 -16.81
N ALA A 155 8.04 13.55 -17.77
CA ALA A 155 8.93 14.68 -18.04
C ALA A 155 8.26 15.76 -18.87
N ALA A 156 8.80 16.97 -18.74
CA ALA A 156 8.31 18.18 -19.42
C ALA A 156 8.67 18.17 -20.90
N GLY A 157 7.96 18.97 -21.69
CA GLY A 157 8.17 19.06 -23.13
C GLY A 157 9.60 19.04 -23.66
N ASP A 158 10.42 20.00 -23.25
CA ASP A 158 11.78 20.08 -23.79
C ASP A 158 12.69 19.01 -23.18
N ASP A 159 12.55 18.78 -21.87
CA ASP A 159 13.33 17.77 -21.17
C ASP A 159 13.13 16.33 -21.67
N LYS A 160 11.89 15.99 -22.03
CA LYS A 160 11.52 14.61 -22.39
C LYS A 160 12.50 14.02 -23.38
N LYS A 161 12.58 14.61 -24.58
CA LYS A 161 13.45 14.11 -25.65
C LYS A 161 14.83 13.77 -25.12
N GLY A 162 15.30 14.53 -24.15
CA GLY A 162 16.62 14.31 -23.59
C GLY A 162 16.63 13.17 -22.60
N ILE A 163 15.58 13.08 -21.79
CA ILE A 163 15.45 12.01 -20.81
C ILE A 163 15.21 10.67 -21.49
N VAL A 164 14.37 10.68 -22.52
CA VAL A 164 13.92 9.42 -23.11
C VAL A 164 15.02 8.66 -23.80
N ASP A 165 16.15 9.29 -24.08
CA ASP A 165 17.18 8.54 -24.78
C ASP A 165 18.43 8.37 -23.92
N GLN A 166 18.45 9.01 -22.76
CA GLN A 166 19.33 8.54 -21.70
C GLN A 166 18.82 7.16 -21.39
N SER A 167 17.49 7.07 -21.33
CA SER A 167 16.80 5.82 -21.15
C SER A 167 17.22 4.83 -22.23
N GLN A 168 17.16 5.26 -23.48
CA GLN A 168 17.46 4.35 -24.59
C GLN A 168 18.93 3.93 -24.61
N GLN A 169 19.86 4.86 -24.36
CA GLN A 169 21.28 4.50 -24.37
C GLN A 169 21.54 3.37 -23.39
N ALA A 170 20.90 3.45 -22.23
CA ALA A 170 21.09 2.48 -21.15
C ALA A 170 20.64 1.10 -21.59
N TYR A 171 19.33 1.00 -21.83
CA TYR A 171 18.69 -0.19 -22.39
C TYR A 171 19.53 -0.79 -23.52
N GLN A 172 20.03 0.09 -24.38
CA GLN A 172 20.84 -0.32 -25.52
C GLN A 172 22.15 -0.99 -25.11
N GLU A 173 22.94 -0.32 -24.28
CA GLU A 173 24.21 -0.89 -23.88
C GLU A 173 23.96 -2.24 -23.19
N ALA A 174 22.92 -2.26 -22.36
CA ALA A 174 22.45 -3.48 -21.72
C ALA A 174 22.21 -4.59 -22.72
N PHE A 175 21.40 -4.26 -23.72
CA PHE A 175 21.06 -5.18 -24.79
C PHE A 175 22.30 -5.77 -25.46
N GLU A 176 23.24 -4.90 -25.81
CA GLU A 176 24.42 -5.35 -26.54
C GLU A 176 25.26 -6.30 -25.71
N ILE A 177 25.62 -5.91 -24.49
CA ILE A 177 26.35 -6.79 -23.61
C ILE A 177 25.64 -8.12 -23.44
N SER A 178 24.34 -8.09 -23.19
CA SER A 178 23.63 -9.33 -22.90
C SER A 178 23.55 -10.24 -24.12
N LYS A 179 23.59 -9.68 -25.33
CA LYS A 179 23.54 -10.52 -26.54
C LYS A 179 24.90 -11.22 -26.73
N LYS A 180 25.97 -10.45 -26.57
CA LYS A 180 27.34 -10.99 -26.63
C LYS A 180 27.64 -12.02 -25.54
N GLU A 181 27.00 -11.89 -24.37
CA GLU A 181 27.50 -12.54 -23.16
C GLU A 181 26.54 -13.42 -22.38
N MET A 182 25.24 -13.34 -22.67
CA MET A 182 24.28 -14.10 -21.88
C MET A 182 23.36 -14.95 -22.74
N GLN A 183 22.92 -16.07 -22.17
CA GLN A 183 22.02 -16.99 -22.81
C GLN A 183 20.65 -16.32 -22.95
N PRO A 184 19.98 -16.54 -24.09
CA PRO A 184 18.63 -15.98 -24.29
C PRO A 184 17.56 -16.49 -23.30
N THR A 185 17.83 -17.59 -22.61
CA THR A 185 16.89 -18.14 -21.63
C THR A 185 17.06 -17.49 -20.26
N HIS A 186 18.08 -16.64 -20.15
CA HIS A 186 18.44 -15.98 -18.91
C HIS A 186 17.47 -14.87 -18.51
N PRO A 187 16.89 -14.96 -17.32
CA PRO A 187 15.82 -14.07 -16.87
C PRO A 187 16.17 -12.59 -16.99
N ILE A 188 17.43 -12.25 -16.84
CA ILE A 188 17.85 -10.86 -16.94
C ILE A 188 17.75 -10.35 -18.36
N ARG A 189 18.19 -11.18 -19.30
CA ARG A 189 18.15 -10.82 -20.72
C ARG A 189 16.71 -10.77 -21.18
N LEU A 190 15.91 -11.73 -20.72
CA LEU A 190 14.48 -11.74 -21.03
C LEU A 190 13.72 -10.56 -20.43
N GLY A 191 14.01 -10.21 -19.18
CA GLY A 191 13.31 -9.11 -18.54
C GLY A 191 13.69 -7.81 -19.20
N LEU A 192 14.92 -7.75 -19.69
CA LEU A 192 15.45 -6.58 -20.39
C LEU A 192 14.71 -6.40 -21.70
N ALA A 193 14.58 -7.52 -22.39
CA ALA A 193 13.85 -7.58 -23.63
C ALA A 193 12.46 -7.05 -23.40
N LEU A 194 11.81 -7.62 -22.39
CA LEU A 194 10.44 -7.25 -22.06
C LEU A 194 10.32 -5.75 -21.94
N ASN A 195 11.13 -5.16 -21.08
CA ASN A 195 11.00 -3.73 -20.82
C ASN A 195 11.53 -2.85 -21.94
N PHE A 196 12.47 -3.36 -22.74
CA PHE A 196 12.93 -2.53 -23.85
C PHE A 196 11.82 -2.50 -24.91
N SER A 197 11.25 -3.67 -25.22
CA SER A 197 10.24 -3.68 -26.27
C SER A 197 9.10 -2.75 -25.87
N VAL A 198 8.78 -2.71 -24.58
CA VAL A 198 7.76 -1.78 -24.07
C VAL A 198 8.25 -0.34 -24.21
N PHE A 199 9.54 -0.12 -24.03
CA PHE A 199 10.07 1.21 -24.22
C PHE A 199 9.83 1.68 -25.65
N TYR A 200 10.19 0.84 -26.64
CA TYR A 200 10.01 1.19 -28.04
C TYR A 200 8.54 1.45 -28.33
N TYR A 201 7.67 0.70 -27.67
CA TYR A 201 6.25 0.78 -27.95
C TYR A 201 5.58 1.98 -27.28
N GLU A 202 5.71 2.08 -25.97
CA GLU A 202 5.02 3.12 -25.20
C GLU A 202 5.73 4.47 -25.19
N ILE A 203 7.06 4.49 -25.32
CA ILE A 203 7.81 5.73 -25.25
C ILE A 203 8.17 6.34 -26.62
N LEU A 204 8.41 5.49 -27.62
CA LEU A 204 8.86 5.97 -28.93
C LEU A 204 7.81 5.81 -30.01
N ASN A 205 6.70 5.18 -29.67
CA ASN A 205 5.68 4.77 -30.64
C ASN A 205 6.25 4.16 -31.90
N SER A 206 7.12 3.18 -31.71
CA SER A 206 7.61 2.33 -32.76
C SER A 206 7.12 0.93 -32.50
N PRO A 207 5.82 0.66 -32.75
CA PRO A 207 5.33 -0.70 -32.49
C PRO A 207 5.99 -1.72 -33.43
N GLU A 208 6.59 -1.23 -34.51
CA GLU A 208 7.40 -2.07 -35.38
C GLU A 208 8.70 -2.51 -34.66
N LYS A 209 9.53 -1.57 -34.19
CA LYS A 209 10.78 -1.91 -33.52
C LYS A 209 10.48 -2.74 -32.28
N ALA A 210 9.36 -2.45 -31.62
CA ALA A 210 8.94 -3.15 -30.42
C ALA A 210 8.69 -4.60 -30.71
N CYS A 211 7.86 -4.85 -31.73
CA CYS A 211 7.47 -6.22 -32.06
C CYS A 211 8.66 -7.06 -32.52
N SER A 212 9.61 -6.41 -33.15
CA SER A 212 10.82 -7.08 -33.60
C SER A 212 11.56 -7.61 -32.39
N LEU A 213 11.84 -6.72 -31.45
CA LEU A 213 12.58 -7.05 -30.25
C LEU A 213 11.92 -8.22 -29.51
N ALA A 214 10.63 -8.07 -29.25
CA ALA A 214 9.90 -9.09 -28.52
C ALA A 214 9.99 -10.45 -29.20
N LYS A 215 9.55 -10.55 -30.47
CA LYS A 215 9.51 -11.84 -31.17
C LYS A 215 10.87 -12.50 -31.21
N THR A 216 11.89 -11.74 -31.61
CA THR A 216 13.27 -12.26 -31.66
C THR A 216 13.69 -12.84 -30.31
N ALA A 217 13.48 -12.04 -29.26
CA ALA A 217 13.84 -12.41 -27.91
C ALA A 217 13.12 -13.68 -27.47
N PHE A 218 11.84 -13.72 -27.80
CA PHE A 218 10.97 -14.84 -27.46
C PHE A 218 11.38 -16.08 -28.22
N ASP A 219 11.63 -15.92 -29.51
CA ASP A 219 11.99 -17.06 -30.36
C ASP A 219 13.32 -17.65 -29.95
N GLU A 220 14.31 -16.77 -29.70
CA GLU A 220 15.64 -17.24 -29.39
C GLU A 220 15.65 -17.97 -28.06
N ALA A 221 14.74 -17.56 -27.18
CA ALA A 221 14.58 -18.26 -25.94
C ALA A 221 13.93 -19.60 -26.21
N ILE A 222 12.81 -19.59 -26.94
CA ILE A 222 12.10 -20.84 -27.32
C ILE A 222 13.06 -21.85 -27.96
N ALA A 223 13.87 -21.35 -28.87
CA ALA A 223 14.96 -22.11 -29.46
C ALA A 223 15.76 -22.93 -28.44
N GLU A 224 15.89 -22.43 -27.20
CA GLU A 224 16.83 -23.05 -26.26
C GLU A 224 16.23 -23.40 -24.91
N LEU A 225 14.95 -23.74 -24.89
CA LEU A 225 14.29 -24.17 -23.68
C LEU A 225 14.95 -25.41 -23.06
N ASP A 226 15.74 -26.12 -23.87
CA ASP A 226 16.54 -27.27 -23.41
C ASP A 226 17.54 -26.84 -22.35
N THR A 227 17.85 -25.55 -22.38
CA THR A 227 18.95 -24.96 -21.67
C THR A 227 18.46 -24.28 -20.39
N LEU A 228 17.17 -23.94 -20.37
CA LEU A 228 16.59 -23.26 -19.23
C LEU A 228 16.65 -24.19 -18.04
N SER A 229 17.19 -23.71 -16.93
CA SER A 229 17.42 -24.54 -15.76
C SER A 229 16.23 -24.50 -14.85
N GLU A 230 16.02 -25.57 -14.07
CA GLU A 230 14.90 -25.63 -13.13
C GLU A 230 14.90 -24.40 -12.22
N GLU A 231 16.10 -23.92 -11.88
CA GLU A 231 16.24 -22.81 -10.96
C GLU A 231 15.74 -21.49 -11.58
N SER A 232 15.92 -21.30 -12.89
CA SER A 232 15.45 -20.08 -13.57
C SER A 232 14.08 -20.25 -14.19
N TYR A 233 13.54 -21.46 -14.16
CA TYR A 233 12.41 -21.81 -15.01
C TYR A 233 11.16 -20.96 -14.79
N LYS A 234 10.64 -20.88 -13.56
CA LYS A 234 9.40 -20.13 -13.32
C LYS A 234 9.55 -18.69 -13.78
N ASP A 235 10.65 -18.05 -13.39
CA ASP A 235 10.92 -16.66 -13.74
C ASP A 235 11.03 -16.38 -15.24
N SER A 236 11.79 -17.22 -15.94
CA SER A 236 12.03 -17.01 -17.36
C SER A 236 10.78 -17.24 -18.19
N THR A 237 10.03 -18.28 -17.84
CA THR A 237 8.87 -18.63 -18.62
C THR A 237 7.77 -17.62 -18.38
N LEU A 238 7.76 -17.00 -17.20
CA LEU A 238 6.77 -15.97 -16.92
C LEU A 238 7.03 -14.74 -17.76
N ILE A 239 8.30 -14.40 -17.93
CA ILE A 239 8.71 -13.26 -18.74
C ILE A 239 8.47 -13.57 -20.20
N MET A 240 8.75 -14.80 -20.60
CA MET A 240 8.51 -15.20 -21.98
C MET A 240 7.03 -15.08 -22.25
N GLN A 241 6.22 -15.50 -21.29
CA GLN A 241 4.79 -15.45 -21.47
C GLN A 241 4.29 -14.01 -21.64
N LEU A 242 4.90 -13.08 -20.93
CA LEU A 242 4.51 -11.69 -21.07
C LEU A 242 4.92 -11.16 -22.44
N LEU A 243 6.16 -11.46 -22.85
CA LEU A 243 6.62 -11.06 -24.18
C LEU A 243 5.61 -11.51 -25.24
N ARG A 244 5.22 -12.79 -25.18
CA ARG A 244 4.30 -13.35 -26.14
C ARG A 244 2.88 -12.79 -26.01
N ASP A 245 2.39 -12.61 -24.78
CA ASP A 245 1.08 -11.99 -24.54
C ASP A 245 1.09 -10.58 -25.14
N ASN A 246 2.21 -9.89 -25.02
CA ASN A 246 2.32 -8.57 -25.61
C ASN A 246 2.19 -8.61 -27.13
N LEU A 247 2.89 -9.55 -27.76
CA LEU A 247 2.91 -9.65 -29.21
C LEU A 247 1.51 -9.86 -29.79
N THR A 248 0.71 -10.73 -29.17
CA THR A 248 -0.68 -10.87 -29.59
C THR A 248 -1.35 -9.50 -29.62
N LEU A 249 -1.28 -8.79 -28.50
CA LEU A 249 -1.92 -7.47 -28.38
C LEU A 249 -1.39 -6.50 -29.43
N TRP A 250 -0.06 -6.38 -29.53
CA TRP A 250 0.54 -5.45 -30.47
C TRP A 250 0.34 -5.83 -31.94
N THR A 251 -0.54 -6.80 -32.19
CA THR A 251 -0.80 -7.34 -33.53
C THR A 251 -2.29 -7.36 -33.88
N SER A 252 -3.06 -8.19 -33.17
CA SER A 252 -4.50 -8.33 -33.38
C SER A 252 -5.26 -7.05 -33.01
N ARG A 259 0.16 -6.95 -13.12
CA ARG A 259 1.58 -6.65 -12.99
C ARG A 259 2.23 -7.43 -11.83
N SER A 260 2.21 -8.76 -11.93
CA SER A 260 2.91 -9.63 -10.98
C SER A 260 4.41 -9.67 -11.32
N MET A 261 4.83 -8.66 -12.06
CA MET A 261 6.22 -8.43 -12.41
C MET A 261 6.92 -7.62 -11.27
N GLU A 262 6.12 -7.18 -10.31
CA GLU A 262 6.62 -6.40 -9.18
C GLU A 262 7.24 -7.25 -8.08
N VAL A 263 7.16 -8.56 -8.20
CA VAL A 263 7.75 -9.46 -7.19
C VAL A 263 9.01 -10.13 -7.75
N VAL A 264 9.25 -9.94 -9.04
CA VAL A 264 10.45 -10.46 -9.66
C VAL A 264 11.42 -9.29 -9.91
N PRO A 265 12.72 -9.52 -9.67
CA PRO A 265 13.76 -8.50 -9.80
C PRO A 265 14.06 -8.10 -11.25
N TYR A 266 13.77 -9.00 -12.18
CA TYR A 266 14.13 -8.83 -13.58
C TYR A 266 13.12 -8.01 -14.37
N SER B 15 8.08 23.87 2.99
CA SER B 15 7.96 23.63 4.42
C SER B 15 7.50 24.89 5.16
N LEU B 16 8.46 25.70 5.59
CA LEU B 16 8.15 26.94 6.27
C LEU B 16 8.06 28.08 5.26
N TYR B 17 8.28 27.75 3.98
CA TYR B 17 8.42 28.77 2.95
C TYR B 17 7.09 29.08 2.23
N LYS B 18 5.98 28.88 2.94
CA LYS B 18 4.61 29.04 2.41
C LYS B 18 3.76 30.02 3.20
N LYS B 19 3.02 30.88 2.50
CA LYS B 19 2.17 31.87 3.15
C LYS B 19 0.80 31.22 3.44
N ALA B 20 0.06 31.75 4.41
CA ALA B 20 -1.21 31.13 4.82
C ALA B 20 -2.32 31.12 3.75
N GLY B 21 -1.96 31.23 2.46
CA GLY B 21 -2.86 30.88 1.38
C GLY B 21 -2.86 29.36 1.20
N LEU B 22 -3.41 28.64 2.18
CA LEU B 22 -3.57 27.18 2.08
C LEU B 22 -5.02 26.81 1.74
N MET B 23 -5.37 25.52 1.85
CA MET B 23 -6.65 25.05 1.28
C MET B 23 -7.83 25.09 2.23
N ASP B 24 -8.96 25.56 1.72
CA ASP B 24 -10.19 25.61 2.51
C ASP B 24 -10.91 24.26 2.54
N LYS B 25 -11.93 24.14 3.39
CA LYS B 25 -12.62 22.85 3.63
C LYS B 25 -12.98 22.14 2.33
N ASN B 26 -13.44 22.92 1.35
CA ASN B 26 -13.89 22.34 0.10
C ASN B 26 -12.73 21.79 -0.71
N GLU B 27 -11.64 22.55 -0.80
CA GLU B 27 -10.48 22.10 -1.56
C GLU B 27 -9.82 20.93 -0.85
N LEU B 28 -9.86 20.93 0.48
CA LEU B 28 -9.34 19.81 1.25
C LEU B 28 -10.15 18.55 0.97
N VAL B 29 -11.47 18.63 1.13
CA VAL B 29 -12.34 17.49 0.82
C VAL B 29 -12.17 17.05 -0.63
N GLN B 30 -12.16 18.01 -1.54
CA GLN B 30 -12.00 17.66 -2.95
C GLN B 30 -10.69 16.90 -3.19
N LYS B 31 -9.65 17.18 -2.41
CA LYS B 31 -8.38 16.46 -2.56
C LYS B 31 -8.39 15.14 -1.76
N ALA B 32 -9.20 15.06 -0.70
CA ALA B 32 -9.41 13.80 -0.01
C ALA B 32 -9.88 12.78 -1.03
N LYS B 33 -10.87 13.17 -1.83
CA LYS B 33 -11.47 12.26 -2.79
C LYS B 33 -10.44 11.84 -3.85
N LEU B 34 -9.64 12.78 -4.31
CA LEU B 34 -8.57 12.43 -5.23
C LEU B 34 -7.61 11.41 -4.60
N ALA B 35 -7.18 11.67 -3.36
CA ALA B 35 -6.30 10.77 -2.61
C ALA B 35 -6.84 9.34 -2.62
N GLU B 36 -8.11 9.21 -2.25
CA GLU B 36 -8.79 7.92 -2.26
C GLU B 36 -8.72 7.23 -3.61
N GLN B 37 -8.90 7.99 -4.67
CA GLN B 37 -8.85 7.42 -6.00
C GLN B 37 -7.44 6.96 -6.31
N ALA B 38 -6.45 7.62 -5.70
CA ALA B 38 -5.08 7.24 -5.99
C ALA B 38 -4.48 6.41 -4.86
N GLU B 39 -5.34 5.98 -3.95
CA GLU B 39 -4.95 5.07 -2.86
C GLU B 39 -3.75 5.65 -2.11
N ARG B 40 -3.89 6.90 -1.69
CA ARG B 40 -2.91 7.53 -0.85
C ARG B 40 -3.63 7.93 0.41
N TYR B 41 -3.98 6.91 1.19
CA TYR B 41 -4.82 7.11 2.35
C TYR B 41 -4.15 7.96 3.44
N ASP B 42 -2.84 8.14 3.36
CA ASP B 42 -2.17 9.02 4.30
C ASP B 42 -2.56 10.45 3.97
N ASP B 43 -2.29 10.89 2.73
CA ASP B 43 -2.76 12.18 2.25
C ASP B 43 -4.21 12.43 2.64
N MET B 44 -5.05 11.43 2.43
CA MET B 44 -6.48 11.54 2.64
C MET B 44 -6.82 11.77 4.11
N ALA B 45 -6.09 11.11 5.00
CA ALA B 45 -6.34 11.27 6.42
C ALA B 45 -5.86 12.64 6.88
N ALA B 46 -4.80 13.12 6.23
CA ALA B 46 -4.29 14.44 6.50
C ALA B 46 -5.36 15.48 6.14
N CYS B 47 -5.97 15.31 4.96
CA CYS B 47 -6.98 16.25 4.50
C CYS B 47 -8.19 16.29 5.43
N MET B 48 -8.67 15.12 5.80
CA MET B 48 -9.89 15.05 6.58
C MET B 48 -9.63 15.45 8.01
N LYS B 49 -8.42 15.20 8.51
CA LYS B 49 -8.07 15.64 9.86
C LYS B 49 -8.11 17.16 9.92
N SER B 50 -7.47 17.77 8.93
CA SER B 50 -7.52 19.21 8.75
C SER B 50 -8.97 19.70 8.68
N VAL B 51 -9.80 19.09 7.85
CA VAL B 51 -11.20 19.48 7.77
C VAL B 51 -11.89 19.37 9.13
N THR B 52 -11.68 18.25 9.81
CA THR B 52 -12.32 18.02 11.09
C THR B 52 -11.93 19.11 12.06
N GLU B 53 -10.65 19.48 12.03
CA GLU B 53 -10.03 20.40 12.99
C GLU B 53 -10.57 21.81 12.89
N GLN B 54 -11.14 22.17 11.74
CA GLN B 54 -11.70 23.50 11.57
C GLN B 54 -13.00 23.69 12.33
N GLY B 55 -13.37 22.69 13.13
CA GLY B 55 -14.37 22.87 14.17
C GLY B 55 -15.84 22.62 13.86
N ALA B 56 -16.21 22.63 12.58
CA ALA B 56 -17.61 22.40 12.21
C ALA B 56 -17.99 20.93 12.32
N GLU B 57 -19.28 20.67 12.44
CA GLU B 57 -19.77 19.31 12.41
C GLU B 57 -19.62 18.79 10.98
N LEU B 58 -19.07 17.58 10.85
CA LEU B 58 -18.84 17.02 9.53
C LEU B 58 -20.16 16.63 8.89
N SER B 59 -20.23 16.82 7.57
CA SER B 59 -21.36 16.38 6.80
C SER B 59 -21.27 14.87 6.67
N ASN B 60 -22.27 14.23 6.05
CA ASN B 60 -22.17 12.79 5.92
C ASN B 60 -21.08 12.40 4.95
N GLU B 61 -21.01 13.10 3.83
CA GLU B 61 -19.97 12.82 2.86
C GLU B 61 -18.62 12.91 3.55
N GLU B 62 -18.47 13.92 4.41
CA GLU B 62 -17.19 14.18 5.03
C GLU B 62 -16.89 13.08 6.04
N ARG B 63 -17.81 12.86 6.97
CA ARG B 63 -17.76 11.76 7.92
C ARG B 63 -17.21 10.47 7.32
N ASN B 64 -17.76 10.10 6.17
CA ASN B 64 -17.36 8.86 5.53
C ASN B 64 -15.93 8.88 5.06
N LEU B 65 -15.57 9.95 4.35
CA LEU B 65 -14.19 10.14 3.91
C LEU B 65 -13.23 10.00 5.07
N LEU B 66 -13.60 10.60 6.21
CA LEU B 66 -12.78 10.50 7.40
C LEU B 66 -12.60 9.07 7.85
N SER B 67 -13.71 8.35 7.99
CA SER B 67 -13.68 6.98 8.47
C SER B 67 -12.92 6.04 7.54
N VAL B 68 -13.17 6.19 6.24
CA VAL B 68 -12.46 5.43 5.23
C VAL B 68 -10.97 5.61 5.33
N ALA B 69 -10.55 6.87 5.30
CA ALA B 69 -9.14 7.22 5.27
C ALA B 69 -8.41 6.61 6.45
N TYR B 70 -9.00 6.66 7.63
CA TYR B 70 -8.32 6.14 8.80
C TYR B 70 -8.46 4.63 8.98
N LYS B 71 -9.53 4.01 8.47
CA LYS B 71 -9.62 2.54 8.49
C LYS B 71 -8.47 2.01 7.64
N ASN B 72 -8.26 2.67 6.51
CA ASN B 72 -7.22 2.27 5.60
C ASN B 72 -5.83 2.50 6.16
N VAL B 73 -5.64 3.66 6.77
CA VAL B 73 -4.36 4.03 7.27
C VAL B 73 -3.97 3.10 8.40
N VAL B 74 -4.88 2.87 9.33
CA VAL B 74 -4.57 1.99 10.45
C VAL B 74 -4.63 0.52 10.06
N GLY B 75 -5.45 0.22 9.04
CA GLY B 75 -5.62 -1.14 8.58
C GLY B 75 -4.30 -1.68 8.08
N ALA B 76 -3.64 -0.88 7.24
CA ALA B 76 -2.33 -1.22 6.69
C ALA B 76 -1.35 -1.61 7.78
N ARG B 77 -1.29 -0.80 8.84
CA ARG B 77 -0.33 -1.04 9.91
C ARG B 77 -0.71 -2.30 10.69
N ARG B 78 -2.01 -2.54 10.85
CA ARG B 78 -2.47 -3.73 11.55
C ARG B 78 -2.11 -5.02 10.81
N SER B 79 -2.37 -5.07 9.51
CA SER B 79 -1.88 -6.16 8.70
C SER B 79 -0.37 -6.39 8.89
N SER B 80 0.42 -5.32 8.73
CA SER B 80 1.88 -5.41 8.91
C SER B 80 2.25 -5.97 10.26
N TRP B 81 1.57 -5.52 11.30
CA TRP B 81 1.84 -6.01 12.64
C TRP B 81 1.58 -7.50 12.72
N ARG B 82 0.43 -7.93 12.20
CA ARG B 82 0.07 -9.35 12.27
C ARG B 82 1.10 -10.18 11.51
N VAL B 83 1.51 -9.71 10.34
CA VAL B 83 2.48 -10.45 9.54
C VAL B 83 3.80 -10.62 10.26
N VAL B 84 4.39 -9.50 10.70
CA VAL B 84 5.65 -9.52 11.45
C VAL B 84 5.48 -10.30 12.76
N SER B 85 4.35 -10.09 13.45
CA SER B 85 4.10 -10.78 14.72
C SER B 85 4.11 -12.32 14.59
N SER B 86 3.71 -12.83 13.43
CA SER B 86 3.72 -14.29 13.26
C SER B 86 5.14 -14.81 13.03
N ILE B 87 5.90 -14.10 12.20
CA ILE B 87 7.30 -14.44 11.95
C ILE B 87 8.11 -14.49 13.24
N GLU B 88 7.72 -13.64 14.17
CA GLU B 88 8.34 -13.62 15.48
C GLU B 88 8.18 -14.98 16.14
N GLN B 89 6.96 -15.52 16.12
CA GLN B 89 6.67 -16.80 16.79
C GLN B 89 7.03 -18.06 16.02
N LYS B 90 6.96 -18.00 14.69
CA LYS B 90 7.41 -19.12 13.87
C LYS B 90 8.95 -19.21 13.87
N THR B 91 9.57 -18.55 14.85
CA THR B 91 11.02 -18.55 15.05
C THR B 91 11.36 -18.94 16.50
N GLU B 92 10.94 -20.14 16.90
CA GLU B 92 11.20 -20.64 18.26
C GLU B 92 12.66 -21.05 18.46
N GLU B 95 17.15 -17.61 15.56
CA GLU B 95 16.56 -17.11 16.79
C GLU B 95 17.26 -15.86 17.33
N LYS B 96 18.26 -15.35 16.61
CA LYS B 96 18.74 -13.98 16.82
C LYS B 96 17.92 -13.09 15.88
N LYS B 97 17.32 -13.76 14.89
CA LYS B 97 16.46 -13.14 13.89
C LYS B 97 15.11 -12.79 14.53
N GLN B 98 14.75 -13.53 15.58
CA GLN B 98 13.50 -13.23 16.27
C GLN B 98 13.55 -11.84 16.88
N GLN B 99 14.73 -11.45 17.36
CA GLN B 99 14.89 -10.14 17.98
C GLN B 99 14.60 -9.03 16.97
N MET B 100 15.01 -9.25 15.73
CA MET B 100 14.77 -8.25 14.72
C MET B 100 13.30 -8.17 14.37
N ALA B 101 12.66 -9.34 14.32
CA ALA B 101 11.23 -9.37 14.07
C ALA B 101 10.51 -8.65 15.19
N ARG B 102 10.92 -8.95 16.41
CA ARG B 102 10.32 -8.31 17.58
C ARG B 102 10.44 -6.78 17.52
N GLU B 103 11.62 -6.28 17.19
CA GLU B 103 11.84 -4.84 17.21
C GLU B 103 11.09 -4.14 16.11
N TYR B 104 11.09 -4.75 14.92
CA TYR B 104 10.29 -4.25 13.82
C TYR B 104 8.83 -4.19 14.24
N ARG B 105 8.37 -5.24 14.91
CA ARG B 105 7.01 -5.29 15.44
C ARG B 105 6.72 -4.13 16.39
N GLU B 106 7.71 -3.79 17.20
CA GLU B 106 7.54 -2.70 18.16
C GLU B 106 7.51 -1.35 17.47
N LYS B 107 8.35 -1.17 16.46
CA LYS B 107 8.34 0.04 15.67
C LYS B 107 6.96 0.23 15.06
N ILE B 108 6.40 -0.88 14.60
CA ILE B 108 5.08 -0.85 13.98
C ILE B 108 4.02 -0.51 15.02
N GLU B 109 4.09 -1.12 16.21
CA GLU B 109 3.13 -0.81 17.26
C GLU B 109 3.12 0.69 17.55
N THR B 110 4.29 1.33 17.39
CA THR B 110 4.39 2.76 17.60
C THR B 110 3.59 3.55 16.57
N GLU B 111 3.81 3.23 15.29
CA GLU B 111 3.04 3.88 14.22
C GLU B 111 1.57 3.67 14.52
N LEU B 112 1.25 2.48 14.98
CA LEU B 112 -0.13 2.12 15.24
C LEU B 112 -0.75 3.03 16.30
N ARG B 113 -0.10 3.09 17.45
CA ARG B 113 -0.61 3.89 18.56
C ARG B 113 -0.74 5.38 18.22
N ASP B 114 0.21 5.93 17.46
CA ASP B 114 0.12 7.32 17.08
C ASP B 114 -1.17 7.54 16.31
N ILE B 115 -1.36 6.71 15.29
CA ILE B 115 -2.52 6.83 14.42
C ILE B 115 -3.82 6.70 15.21
N CYS B 116 -3.92 5.68 16.04
CA CYS B 116 -5.14 5.49 16.80
C CYS B 116 -5.39 6.71 17.66
N ASN B 117 -4.34 7.18 18.35
CA ASN B 117 -4.50 8.29 19.28
C ASN B 117 -4.86 9.60 18.59
N ASP B 118 -4.29 9.92 17.43
CA ASP B 118 -4.68 11.22 16.91
C ASP B 118 -6.00 11.11 16.20
N VAL B 119 -6.60 9.93 16.20
CA VAL B 119 -7.98 9.76 15.74
C VAL B 119 -8.89 9.85 16.94
N LEU B 120 -8.51 9.13 17.98
CA LEU B 120 -9.23 9.16 19.23
C LEU B 120 -9.30 10.60 19.71
N SER B 121 -8.27 11.35 19.37
CA SER B 121 -8.18 12.77 19.70
C SER B 121 -9.25 13.58 18.96
N LEU B 122 -9.34 13.41 17.64
CA LEU B 122 -10.37 14.09 16.85
C LEU B 122 -11.79 13.75 17.32
N LEU B 123 -11.99 12.58 17.92
CA LEU B 123 -13.31 12.20 18.39
C LEU B 123 -13.73 12.94 19.69
N GLU B 124 -12.80 13.11 20.62
CA GLU B 124 -13.08 13.81 21.89
C GLU B 124 -13.16 15.31 21.71
N LYS B 125 -12.19 15.87 21.00
CA LYS B 125 -12.11 17.30 20.87
C LYS B 125 -13.05 17.89 19.81
N PHE B 126 -13.74 17.06 19.04
CA PHE B 126 -14.55 17.59 17.94
C PHE B 126 -15.78 16.77 17.63
N LEU B 127 -15.55 15.54 17.18
CA LEU B 127 -16.59 14.76 16.54
C LEU B 127 -17.72 14.36 17.44
N ILE B 128 -17.38 13.81 18.61
CA ILE B 128 -18.40 13.39 19.55
C ILE B 128 -19.16 14.60 20.14
N PRO B 129 -18.45 15.68 20.54
CA PRO B 129 -19.18 16.87 21.01
C PRO B 129 -20.07 17.48 19.95
N ASN B 130 -19.53 17.74 18.77
CA ASN B 130 -20.33 18.24 17.65
C ASN B 130 -21.55 17.40 17.28
N ALA B 131 -21.54 16.14 17.71
CA ALA B 131 -22.61 15.21 17.37
C ALA B 131 -23.96 15.71 17.87
N SER B 132 -24.87 15.94 16.93
CA SER B 132 -26.17 16.50 17.22
C SER B 132 -27.21 15.39 17.28
N GLN B 133 -27.53 14.81 16.13
CA GLN B 133 -28.49 13.71 16.08
C GLN B 133 -27.94 12.46 16.76
N ALA B 134 -28.85 11.60 17.20
CA ALA B 134 -28.46 10.37 17.90
C ALA B 134 -27.58 9.52 16.98
N GLU B 135 -28.00 9.44 15.72
CA GLU B 135 -27.31 8.63 14.71
C GLU B 135 -25.83 8.97 14.62
N SER B 136 -25.49 10.26 14.64
CA SER B 136 -24.10 10.68 14.53
C SER B 136 -23.30 10.30 15.78
N LYS B 137 -23.87 10.48 16.96
CA LYS B 137 -23.17 10.14 18.19
C LYS B 137 -22.86 8.64 18.23
N VAL B 138 -23.70 7.84 17.60
CA VAL B 138 -23.47 6.39 17.58
C VAL B 138 -22.26 6.04 16.72
N PHE B 139 -22.23 6.62 15.52
CA PHE B 139 -21.14 6.45 14.57
C PHE B 139 -19.79 6.69 15.22
N TYR B 140 -19.65 7.86 15.83
CA TYR B 140 -18.37 8.29 16.37
C TYR B 140 -18.07 7.58 17.67
N LEU B 141 -19.11 7.15 18.38
CA LEU B 141 -18.92 6.37 19.60
C LEU B 141 -18.44 4.95 19.28
N LYS B 142 -18.87 4.42 18.15
CA LYS B 142 -18.39 3.12 17.72
C LYS B 142 -16.94 3.27 17.30
N MET B 143 -16.73 4.16 16.34
CA MET B 143 -15.41 4.63 15.92
C MET B 143 -14.43 4.74 17.11
N LYS B 144 -14.90 5.32 18.20
CA LYS B 144 -14.10 5.40 19.41
C LYS B 144 -13.81 4.00 19.95
N GLY B 145 -14.86 3.18 20.09
CA GLY B 145 -14.67 1.81 20.53
C GLY B 145 -13.75 1.05 19.60
N ASP B 146 -13.94 1.24 18.28
CA ASP B 146 -13.08 0.63 17.27
C ASP B 146 -11.59 0.91 17.52
N TYR B 147 -11.22 2.18 17.70
CA TYR B 147 -9.80 2.53 17.75
C TYR B 147 -9.19 2.27 19.12
N TYR B 148 -9.99 2.31 20.17
CA TYR B 148 -9.51 1.81 21.45
C TYR B 148 -9.25 0.30 21.35
N ARG B 149 -10.06 -0.37 20.55
CA ARG B 149 -9.94 -1.80 20.31
C ARG B 149 -8.67 -2.16 19.56
N TYR B 150 -8.22 -1.28 18.66
CA TYR B 150 -6.96 -1.54 17.96
C TYR B 150 -5.80 -1.29 18.91
N LEU B 151 -5.98 -0.29 19.77
CA LEU B 151 -5.00 -0.07 20.83
C LEU B 151 -4.93 -1.33 21.66
N ALA B 152 -6.09 -1.81 22.10
CA ALA B 152 -6.17 -3.02 22.93
C ALA B 152 -5.49 -4.23 22.27
N GLU B 153 -5.47 -4.24 20.94
CA GLU B 153 -4.92 -5.36 20.17
C GLU B 153 -3.40 -5.50 20.34
N VAL B 154 -2.75 -4.43 20.77
CA VAL B 154 -1.29 -4.42 20.83
C VAL B 154 -0.72 -3.98 22.18
N ALA B 155 -1.60 -3.73 23.15
CA ALA B 155 -1.20 -3.20 24.46
C ALA B 155 -0.51 -4.26 25.31
N ALA B 156 0.39 -3.81 26.19
CA ALA B 156 1.06 -4.67 27.16
C ALA B 156 0.24 -4.73 28.44
N GLY B 157 0.63 -5.61 29.37
CA GLY B 157 -0.08 -5.81 30.62
C GLY B 157 -0.71 -4.62 31.34
N ASP B 158 0.12 -3.67 31.77
CA ASP B 158 -0.33 -2.60 32.67
C ASP B 158 -1.43 -1.71 32.09
N ASP B 159 -1.18 -1.19 30.88
CA ASP B 159 -2.09 -0.26 30.20
C ASP B 159 -3.34 -0.93 29.65
N LYS B 160 -3.28 -2.25 29.48
CA LYS B 160 -4.32 -2.96 28.77
C LYS B 160 -5.71 -2.88 29.41
N LYS B 161 -5.80 -3.24 30.70
CA LYS B 161 -7.10 -3.30 31.39
C LYS B 161 -7.96 -2.06 31.10
N GLY B 162 -7.33 -0.89 31.11
CA GLY B 162 -8.03 0.37 30.95
C GLY B 162 -8.30 0.74 29.50
N ILE B 163 -7.38 0.40 28.61
CA ILE B 163 -7.64 0.55 27.18
C ILE B 163 -8.86 -0.27 26.77
N VAL B 164 -8.88 -1.51 27.24
CA VAL B 164 -9.99 -2.40 26.99
C VAL B 164 -11.26 -1.76 27.53
N ASP B 165 -11.21 -1.16 28.70
CA ASP B 165 -12.47 -0.66 29.22
C ASP B 165 -12.89 0.62 28.51
N GLN B 166 -11.92 1.37 27.99
CA GLN B 166 -12.25 2.54 27.20
C GLN B 166 -12.99 2.09 25.94
N SER B 167 -12.53 0.99 25.38
CA SER B 167 -13.15 0.42 24.20
C SER B 167 -14.58 -0.03 24.48
N GLN B 168 -14.76 -0.68 25.62
CA GLN B 168 -16.06 -1.25 25.98
C GLN B 168 -17.07 -0.17 26.31
N GLN B 169 -16.67 0.77 27.13
CA GLN B 169 -17.59 1.80 27.60
C GLN B 169 -18.07 2.63 26.43
N ALA B 170 -17.23 2.74 25.40
CA ALA B 170 -17.59 3.47 24.19
C ALA B 170 -18.59 2.65 23.39
N TYR B 171 -18.17 1.43 23.02
CA TYR B 171 -19.05 0.47 22.35
C TYR B 171 -20.40 0.38 23.07
N GLN B 172 -20.36 0.34 24.39
CA GLN B 172 -21.58 0.22 25.19
C GLN B 172 -22.54 1.39 24.98
N GLU B 173 -22.08 2.60 25.30
CA GLU B 173 -22.93 3.80 25.19
C GLU B 173 -23.50 3.92 23.77
N ALA B 174 -22.68 3.64 22.78
CA ALA B 174 -23.13 3.63 21.39
C ALA B 174 -24.21 2.60 21.21
N PHE B 175 -24.11 1.52 21.97
CA PHE B 175 -25.03 0.42 21.79
C PHE B 175 -26.45 0.83 22.18
N GLU B 176 -26.60 1.34 23.38
CA GLU B 176 -27.90 1.69 23.93
C GLU B 176 -28.59 2.82 23.15
N ILE B 177 -27.83 3.82 22.73
CA ILE B 177 -28.41 4.84 21.88
C ILE B 177 -28.95 4.23 20.58
N SER B 178 -28.18 3.33 19.98
CA SER B 178 -28.57 2.78 18.69
C SER B 178 -29.83 1.90 18.81
N LYS B 179 -29.95 1.15 19.91
CA LYS B 179 -31.10 0.28 20.08
C LYS B 179 -32.33 1.13 20.39
N LYS B 180 -32.11 2.20 21.15
CA LYS B 180 -33.18 3.10 21.60
C LYS B 180 -33.62 4.11 20.54
N GLU B 181 -32.76 4.38 19.56
CA GLU B 181 -33.03 5.43 18.57
C GLU B 181 -33.11 4.94 17.11
N MET B 182 -32.49 3.82 16.76
CA MET B 182 -32.57 3.36 15.37
C MET B 182 -33.21 1.97 15.16
N GLN B 183 -33.46 1.66 13.90
CA GLN B 183 -34.02 0.38 13.46
C GLN B 183 -32.99 -0.73 13.41
N PRO B 184 -33.41 -1.96 13.70
CA PRO B 184 -32.52 -3.12 13.66
C PRO B 184 -31.79 -3.30 12.33
N THR B 185 -32.32 -2.75 11.24
CA THR B 185 -31.67 -2.96 9.93
C THR B 185 -30.86 -1.76 9.49
N HIS B 186 -30.85 -0.74 10.34
CA HIS B 186 -29.99 0.41 10.14
C HIS B 186 -28.54 -0.07 10.16
N PRO B 187 -27.82 0.13 9.04
CA PRO B 187 -26.46 -0.37 8.87
C PRO B 187 -25.50 0.12 9.96
N ILE B 188 -25.73 1.31 10.49
CA ILE B 188 -24.86 1.77 11.55
C ILE B 188 -25.09 0.93 12.80
N ARG B 189 -26.36 0.73 13.15
CA ARG B 189 -26.72 -0.14 14.26
C ARG B 189 -26.25 -1.55 14.00
N LEU B 190 -26.44 -2.01 12.76
CA LEU B 190 -25.94 -3.30 12.33
C LEU B 190 -24.41 -3.42 12.42
N GLY B 191 -23.72 -2.38 11.94
CA GLY B 191 -22.27 -2.37 11.94
C GLY B 191 -21.70 -2.23 13.34
N LEU B 192 -22.45 -1.58 14.22
CA LEU B 192 -22.03 -1.48 15.60
C LEU B 192 -22.09 -2.85 16.24
N ALA B 193 -23.13 -3.60 15.89
CA ALA B 193 -23.31 -4.93 16.44
C ALA B 193 -22.13 -5.78 16.06
N LEU B 194 -21.81 -5.77 14.76
CA LEU B 194 -20.69 -6.53 14.25
C LEU B 194 -19.43 -6.29 15.09
N ASN B 195 -19.06 -5.03 15.27
CA ASN B 195 -17.78 -4.73 15.89
C ASN B 195 -17.80 -4.90 17.40
N PHE B 196 -18.97 -4.73 18.01
CA PHE B 196 -19.09 -5.00 19.43
C PHE B 196 -18.90 -6.51 19.69
N SER B 197 -19.46 -7.37 18.85
CA SER B 197 -19.28 -8.80 19.11
C SER B 197 -17.81 -9.17 18.92
N VAL B 198 -17.18 -8.63 17.87
CA VAL B 198 -15.75 -8.82 17.68
C VAL B 198 -14.95 -8.37 18.90
N PHE B 199 -15.38 -7.27 19.53
CA PHE B 199 -14.74 -6.85 20.76
C PHE B 199 -14.78 -7.99 21.76
N TYR B 200 -15.99 -8.44 22.04
CA TYR B 200 -16.22 -9.46 23.02
C TYR B 200 -15.43 -10.71 22.74
N TYR B 201 -15.48 -11.18 21.50
CA TYR B 201 -14.80 -12.40 21.17
C TYR B 201 -13.30 -12.23 21.28
N GLU B 202 -12.77 -11.29 20.51
CA GLU B 202 -11.32 -11.19 20.37
C GLU B 202 -10.62 -10.47 21.49
N ILE B 203 -11.27 -9.48 22.13
CA ILE B 203 -10.58 -8.68 23.15
C ILE B 203 -10.90 -9.12 24.57
N LEU B 204 -12.15 -9.50 24.82
CA LEU B 204 -12.53 -9.91 26.18
C LEU B 204 -12.51 -11.41 26.37
N ASN B 205 -12.28 -12.15 25.28
CA ASN B 205 -12.42 -13.60 25.31
C ASN B 205 -13.72 -13.96 26.01
N SER B 206 -14.79 -13.31 25.56
CA SER B 206 -16.15 -13.57 25.96
C SER B 206 -16.92 -14.14 24.79
N PRO B 207 -16.65 -15.39 24.42
CA PRO B 207 -17.22 -15.95 23.19
C PRO B 207 -18.74 -16.15 23.21
N GLU B 208 -19.32 -16.43 24.37
CA GLU B 208 -20.77 -16.57 24.44
C GLU B 208 -21.49 -15.24 24.30
N LYS B 209 -20.94 -14.17 24.87
CA LYS B 209 -21.55 -12.84 24.71
C LYS B 209 -21.41 -12.40 23.27
N ALA B 210 -20.24 -12.70 22.69
CA ALA B 210 -19.96 -12.37 21.30
C ALA B 210 -20.96 -13.03 20.37
N CYS B 211 -21.16 -14.33 20.56
CA CYS B 211 -22.05 -15.13 19.70
C CYS B 211 -23.52 -14.76 19.90
N SER B 212 -23.90 -14.62 21.16
CA SER B 212 -25.21 -14.13 21.53
C SER B 212 -25.53 -12.74 20.96
N LEU B 213 -24.55 -11.86 20.99
CA LEU B 213 -24.76 -10.51 20.46
C LEU B 213 -24.87 -10.54 18.94
N ALA B 214 -23.96 -11.25 18.28
CA ALA B 214 -24.02 -11.38 16.84
C ALA B 214 -25.39 -11.89 16.43
N LYS B 215 -25.79 -13.01 17.02
CA LYS B 215 -27.04 -13.66 16.63
C LYS B 215 -28.27 -12.78 16.85
N THR B 216 -28.38 -12.18 18.04
CA THR B 216 -29.51 -11.31 18.31
C THR B 216 -29.65 -10.23 17.25
N ALA B 217 -28.59 -9.46 17.08
CA ALA B 217 -28.53 -8.39 16.08
C ALA B 217 -29.04 -8.87 14.73
N PHE B 218 -28.61 -10.08 14.36
CA PHE B 218 -28.98 -10.67 13.08
C PHE B 218 -30.46 -11.05 13.04
N ASP B 219 -30.97 -11.58 14.15
CA ASP B 219 -32.36 -12.03 14.22
C ASP B 219 -33.34 -10.88 14.14
N GLU B 220 -33.03 -9.79 14.84
CA GLU B 220 -33.95 -8.67 14.90
C GLU B 220 -33.95 -7.92 13.58
N ALA B 221 -32.87 -8.08 12.83
CA ALA B 221 -32.81 -7.48 11.51
C ALA B 221 -33.53 -8.41 10.53
N ILE B 222 -33.50 -9.71 10.80
CA ILE B 222 -34.29 -10.66 10.04
C ILE B 222 -35.77 -10.32 10.15
N ALA B 223 -36.25 -10.16 11.39
CA ALA B 223 -37.64 -9.78 11.67
C ALA B 223 -38.14 -8.66 10.75
N GLU B 224 -37.45 -7.53 10.75
CA GLU B 224 -38.01 -6.34 10.11
C GLU B 224 -37.48 -6.10 8.70
N LEU B 225 -37.38 -7.16 7.89
CA LEU B 225 -37.04 -7.01 6.48
C LEU B 225 -38.00 -6.10 5.69
N ASP B 226 -38.97 -5.51 6.40
CA ASP B 226 -39.85 -4.46 5.89
C ASP B 226 -38.98 -3.28 5.51
N THR B 227 -38.17 -2.89 6.48
CA THR B 227 -37.31 -1.72 6.39
C THR B 227 -36.17 -1.85 5.34
N LEU B 228 -36.38 -1.28 4.15
CA LEU B 228 -35.41 -1.35 3.05
C LEU B 228 -34.77 0.08 2.76
N SER B 229 -34.73 0.72 1.58
CA SER B 229 -35.22 0.35 0.25
C SER B 229 -34.18 0.68 -0.83
N GLU B 230 -32.99 0.11 -0.68
CA GLU B 230 -31.84 0.42 -1.54
C GLU B 230 -31.34 1.82 -1.18
N SER B 232 -29.51 2.24 4.20
CA SER B 232 -29.83 1.65 2.89
C SER B 232 -30.32 0.19 2.98
N TYR B 233 -30.17 -0.55 1.88
CA TYR B 233 -30.55 -1.96 1.85
C TYR B 233 -29.35 -2.89 1.65
N LYS B 234 -28.71 -2.81 0.49
CA LYS B 234 -27.56 -3.65 0.18
C LYS B 234 -26.47 -3.36 1.20
N ASP B 235 -26.58 -2.20 1.84
CA ASP B 235 -25.70 -1.85 2.95
C ASP B 235 -26.11 -2.59 4.22
N SER B 236 -27.41 -2.86 4.37
CA SER B 236 -27.90 -3.60 5.53
C SER B 236 -27.58 -5.09 5.46
N THR B 237 -27.82 -5.69 4.30
CA THR B 237 -27.67 -7.13 4.19
C THR B 237 -26.20 -7.54 4.07
N LEU B 238 -25.36 -6.57 3.75
CA LEU B 238 -23.93 -6.82 3.68
C LEU B 238 -23.39 -7.08 5.08
N ILE B 239 -23.80 -6.23 6.01
CA ILE B 239 -23.42 -6.41 7.40
C ILE B 239 -24.11 -7.63 7.98
N MET B 240 -25.34 -7.86 7.56
CA MET B 240 -26.04 -9.04 8.02
C MET B 240 -25.27 -10.27 7.63
N GLN B 241 -24.79 -10.30 6.38
CA GLN B 241 -24.03 -11.46 5.95
C GLN B 241 -22.77 -11.64 6.82
N LEU B 242 -22.17 -10.51 7.22
CA LEU B 242 -20.94 -10.54 7.99
C LEU B 242 -21.13 -11.07 9.39
N LEU B 243 -22.19 -10.59 10.06
CA LEU B 243 -22.63 -11.13 11.33
C LEU B 243 -22.81 -12.64 11.28
N ARG B 244 -23.36 -13.14 10.18
CA ARG B 244 -23.57 -14.59 10.03
C ARG B 244 -22.23 -15.32 9.90
N ASP B 245 -21.34 -14.79 9.07
CA ASP B 245 -20.02 -15.38 8.90
C ASP B 245 -19.28 -15.51 10.24
N ASN B 246 -19.26 -14.43 11.00
CA ASN B 246 -18.60 -14.45 12.28
C ASN B 246 -19.24 -15.47 13.18
N LEU B 247 -20.56 -15.41 13.29
CA LEU B 247 -21.32 -16.39 14.06
C LEU B 247 -21.01 -17.83 13.65
N THR B 248 -20.89 -18.08 12.35
CA THR B 248 -20.55 -19.42 11.87
C THR B 248 -19.16 -19.79 12.35
N LEU B 249 -18.21 -18.92 12.05
CA LEU B 249 -16.80 -19.10 12.41
C LEU B 249 -16.64 -19.47 13.88
N TRP B 250 -17.33 -18.76 14.76
CA TRP B 250 -17.18 -18.90 16.21
C TRP B 250 -17.84 -20.16 16.78
N THR B 251 -18.83 -20.68 16.08
CA THR B 251 -19.57 -21.84 16.60
C THR B 251 -19.12 -23.15 15.95
N SER B 252 -18.62 -23.07 14.72
CA SER B 252 -18.04 -24.22 14.03
C SER B 252 -16.55 -24.44 14.38
N GLY B 253 -15.98 -25.54 13.89
CA GLY B 253 -14.64 -26.04 14.24
C GLY B 253 -13.61 -25.05 14.79
N SER B 258 -9.29 -16.81 11.69
CA SER B 258 -9.62 -16.90 10.27
C SER B 258 -10.73 -15.89 9.87
N ARG B 259 -11.10 -14.99 10.79
CA ARG B 259 -11.96 -13.84 10.46
C ARG B 259 -11.28 -12.90 9.44
N SER B 260 -12.09 -12.17 8.68
CA SER B 260 -11.62 -11.33 7.57
C SER B 260 -11.41 -9.85 7.91
N MET B 261 -10.51 -9.22 7.16
CA MET B 261 -10.11 -7.84 7.44
C MET B 261 -10.18 -6.93 6.18
N GLU B 262 -11.32 -6.27 6.00
CA GLU B 262 -11.52 -5.35 4.87
C GLU B 262 -12.60 -4.32 5.18
C1 GOL C . 25.97 -14.45 -6.54
O1 GOL C . 27.20 -15.13 -6.65
C2 GOL C . 25.63 -14.04 -5.09
O2 GOL C . 26.79 -13.98 -4.27
C3 GOL C . 24.55 -14.97 -4.51
O3 GOL C . 23.83 -14.34 -3.47
C1 GOL D . 5.02 -18.46 -31.53
O1 GOL D . 3.65 -18.22 -31.74
C2 GOL D . 5.37 -19.90 -31.93
O2 GOL D . 4.81 -20.29 -33.18
C3 GOL D . 6.89 -20.14 -31.92
O3 GOL D . 7.12 -21.43 -32.45
S SO4 E . 6.57 -1.22 -16.16
O1 SO4 E . 5.72 -2.33 -16.56
O2 SO4 E . 6.50 -0.19 -17.20
O3 SO4 E . 6.10 -0.71 -14.88
O4 SO4 E . 7.98 -1.63 -16.00
C1 TME F . 12.83 -11.02 -2.60
C2 TME F . 12.47 -11.61 -3.95
C3 TME F . 13.63 -11.54 -4.93
C1 TME G . 15.71 -15.02 -4.35
C2 TME G . 16.86 -14.04 -4.58
C3 TME G . 18.16 -14.79 -4.76
C1 TME H . 8.97 -19.49 -35.27
C2 TME H . 8.18 -18.35 -35.87
C3 TME H . 6.75 -18.38 -35.34
C1 TME I . 28.31 -4.09 7.97
C2 TME I . 29.20 -5.28 7.70
C3 TME I . 29.41 -5.50 6.20
C1 GOL J . -25.72 14.90 5.55
O1 GOL J . -26.70 14.08 4.96
C2 GOL J . -25.36 15.99 4.56
O2 GOL J . -25.29 17.22 5.24
C3 GOL J . -24.05 15.67 3.85
O3 GOL J . -24.14 14.59 2.95
S SO4 K . -12.04 -4.82 12.18
O1 SO4 K . -13.06 -5.73 11.65
O2 SO4 K . -12.63 -3.49 12.37
O3 SO4 K . -11.56 -5.34 13.46
O4 SO4 K . -10.96 -4.73 11.20
C1 TME L . -0.49 9.43 11.82
C2 TME L . -1.75 9.84 11.07
C3 TME L . -1.63 9.45 9.60
C1 TME M . -4.46 -10.88 7.45
C2 TME M . -5.69 -11.53 8.06
C3 TME M . -5.33 -12.20 9.39
#